data_2V21
#
_entry.id   2V21
#
_cell.length_a   65.765
_cell.length_b   65.765
_cell.length_c   202.408
_cell.angle_alpha   90.00
_cell.angle_beta   90.00
_cell.angle_gamma   90.00
#
_symmetry.space_group_name_H-M   'P 41 21 2'
#
loop_
_entity.id
_entity.type
_entity.pdbx_description
1 polymer 'HYPOTHETICAL PROTEIN TTHA1431'
2 non-polymer 'FLAVIN MONONUCLEOTIDE'
3 non-polymer 'SODIUM ION'
4 water water
#
_entity_poly.entity_id   1
_entity_poly.type   'polypeptide(L)'
_entity_poly.pdbx_seq_one_letter_code
;MGKVYKKVELVGTSEEGLEAAIQAALARARKTLRHLDWFEVKEIRGTIGEAGVKEYQVVLEVGFRLEET
;
_entity_poly.pdbx_strand_id   A,B,C,D,E,F
#
loop_
_chem_comp.id
_chem_comp.type
_chem_comp.name
_chem_comp.formula
FMN non-polymer 'FLAVIN MONONUCLEOTIDE' 'C17 H21 N4 O9 P'
NA non-polymer 'SODIUM ION' 'Na 1'
#
# COMPACT_ATOMS: atom_id res chain seq x y z
N GLY A 2 -16.52 30.89 -9.09
CA GLY A 2 -17.87 31.22 -9.61
C GLY A 2 -18.70 29.99 -9.90
N LYS A 3 -18.08 29.03 -10.59
CA LYS A 3 -18.74 27.76 -10.89
C LYS A 3 -18.76 26.87 -9.65
N VAL A 4 -19.87 26.18 -9.45
CA VAL A 4 -20.01 25.22 -8.37
C VAL A 4 -20.43 23.88 -8.95
N TYR A 5 -19.78 22.81 -8.49
CA TYR A 5 -20.13 21.46 -8.89
C TYR A 5 -20.71 20.69 -7.71
N LYS A 6 -21.45 19.64 -8.03
CA LYS A 6 -21.93 18.70 -7.03
C LYS A 6 -21.40 17.30 -7.37
N LYS A 7 -21.17 16.50 -6.33
CA LYS A 7 -20.78 15.10 -6.49
C LYS A 7 -21.84 14.19 -5.90
N VAL A 8 -22.25 13.19 -6.68
CA VAL A 8 -23.19 12.19 -6.23
C VAL A 8 -22.48 10.83 -6.27
N GLU A 9 -22.79 9.99 -5.28
CA GLU A 9 -22.15 8.68 -5.17
C GLU A 9 -23.10 7.58 -5.64
N LEU A 10 -22.66 6.87 -6.67
CA LEU A 10 -23.45 5.81 -7.27
C LEU A 10 -22.72 4.49 -7.24
N VAL A 11 -23.47 3.39 -7.32
CA VAL A 11 -22.89 2.07 -7.46
C VAL A 11 -23.44 1.43 -8.74
N GLY A 12 -22.60 1.34 -9.76
CA GLY A 12 -22.93 0.66 -10.99
C GLY A 12 -22.61 -0.82 -10.88
N THR A 13 -23.47 -1.65 -11.47
CA THR A 13 -23.27 -3.09 -11.45
C THR A 13 -23.33 -3.68 -12.85
N SER A 14 -22.61 -4.78 -13.03
CA SER A 14 -22.64 -5.51 -14.30
C SER A 14 -22.09 -6.91 -14.10
N GLU A 15 -22.61 -7.85 -14.88
CA GLU A 15 -22.11 -9.22 -14.92
C GLU A 15 -20.92 -9.36 -15.88
N GLU A 16 -20.64 -8.33 -16.67
CA GLU A 16 -19.66 -8.42 -17.74
C GLU A 16 -18.26 -7.94 -17.33
N GLY A 17 -18.17 -6.83 -16.62
CA GLY A 17 -16.87 -6.33 -16.20
C GLY A 17 -16.92 -4.95 -15.57
N LEU A 18 -15.75 -4.37 -15.36
CA LEU A 18 -15.61 -3.13 -14.62
C LEU A 18 -16.06 -1.92 -15.43
N GLU A 19 -15.63 -1.86 -16.68
CA GLU A 19 -16.04 -0.75 -17.56
C GLU A 19 -17.55 -0.71 -17.75
N ALA A 20 -18.16 -1.88 -17.93
CA ALA A 20 -19.62 -1.98 -18.13
C ALA A 20 -20.36 -1.53 -16.87
N ALA A 21 -19.81 -1.88 -15.71
CA ALA A 21 -20.36 -1.42 -14.42
C ALA A 21 -20.34 0.11 -14.32
N ILE A 22 -19.21 0.71 -14.71
CA ILE A 22 -19.08 2.16 -14.69
C ILE A 22 -20.08 2.76 -15.65
N GLN A 23 -20.13 2.21 -16.85
CA GLN A 23 -21.04 2.72 -17.89
C GLN A 23 -22.51 2.62 -17.47
N ALA A 24 -22.87 1.56 -16.76
CA ALA A 24 -24.25 1.42 -16.26
C ALA A 24 -24.60 2.55 -15.30
N ALA A 25 -23.67 2.90 -14.40
CA ALA A 25 -23.84 4.04 -13.51
C ALA A 25 -24.02 5.35 -14.27
N LEU A 26 -23.15 5.59 -15.25
CA LEU A 26 -23.18 6.83 -16.01
C LEU A 26 -24.43 6.93 -16.89
N ALA A 27 -24.86 5.81 -17.46
CA ALA A 27 -26.08 5.79 -18.27
C ALA A 27 -27.29 6.20 -17.45
N ARG A 28 -27.43 5.64 -16.24
CA ARG A 28 -28.52 6.01 -15.35
C ARG A 28 -28.38 7.45 -14.87
N ALA A 29 -27.16 7.87 -14.58
CA ALA A 29 -26.92 9.23 -14.11
C ALA A 29 -27.40 10.28 -15.11
N ARG A 30 -27.15 10.07 -16.39
CA ARG A 30 -27.44 11.09 -17.41
C ARG A 30 -28.94 11.22 -17.76
N LYS A 31 -29.75 10.28 -17.29
CA LYS A 31 -31.20 10.39 -17.42
C LYS A 31 -31.76 11.50 -16.53
N THR A 32 -31.14 11.68 -15.37
CA THR A 32 -31.65 12.59 -14.35
C THR A 32 -30.74 13.79 -14.09
N LEU A 33 -29.43 13.61 -14.21
CA LEU A 33 -28.47 14.69 -13.96
C LEU A 33 -27.99 15.32 -15.26
N ARG A 34 -27.73 16.63 -15.22
CA ARG A 34 -27.22 17.36 -16.37
C ARG A 34 -25.84 17.92 -16.09
N HIS A 35 -25.08 18.13 -17.16
CA HIS A 35 -23.71 18.68 -17.11
C HIS A 35 -22.75 17.75 -16.36
N LEU A 36 -22.85 16.47 -16.65
CA LEU A 36 -21.93 15.46 -16.11
C LEU A 36 -20.53 15.70 -16.68
N ASP A 37 -19.53 15.78 -15.81
CA ASP A 37 -18.18 16.16 -16.21
C ASP A 37 -17.14 15.08 -15.97
N TRP A 38 -17.07 14.55 -14.74
CA TRP A 38 -16.06 13.57 -14.41
C TRP A 38 -16.58 12.54 -13.42
N PHE A 39 -15.82 11.45 -13.28
CA PHE A 39 -16.09 10.45 -12.26
C PHE A 39 -14.80 10.02 -11.57
N GLU A 40 -14.95 9.47 -10.38
CA GLU A 40 -13.86 8.96 -9.55
C GLU A 40 -14.31 7.63 -8.95
N VAL A 41 -13.58 6.56 -9.25
CA VAL A 41 -13.88 5.25 -8.69
C VAL A 41 -13.37 5.20 -7.25
N LYS A 42 -14.27 4.89 -6.33
CA LYS A 42 -13.88 4.83 -4.91
C LYS A 42 -13.62 3.41 -4.48
N GLU A 43 -14.30 2.47 -5.11
CA GLU A 43 -14.28 1.11 -4.64
C GLU A 43 -14.74 0.14 -5.74
N ILE A 44 -14.10 -1.03 -5.75
CA ILE A 44 -14.47 -2.11 -6.62
C ILE A 44 -14.74 -3.32 -5.73
N ARG A 45 -15.97 -3.84 -5.82
CA ARG A 45 -16.35 -5.04 -5.12
C ARG A 45 -17.29 -5.87 -6.01
N GLY A 46 -17.81 -6.96 -5.47
CA GLY A 46 -18.75 -7.77 -6.20
C GLY A 46 -19.27 -8.97 -5.46
N THR A 47 -20.23 -9.66 -6.09
CA THR A 47 -20.79 -10.88 -5.52
C THR A 47 -20.17 -12.09 -6.23
N ILE A 48 -20.20 -13.21 -5.55
CA ILE A 48 -19.62 -14.44 -6.05
C ILE A 48 -20.72 -15.48 -6.25
N GLY A 49 -20.68 -16.16 -7.38
CA GLY A 49 -21.62 -17.24 -7.68
C GLY A 49 -20.87 -18.53 -7.95
N GLU A 50 -21.58 -19.51 -8.50
CA GLU A 50 -21.00 -20.82 -8.76
C GLU A 50 -19.91 -20.80 -9.85
N ALA A 51 -19.97 -19.81 -10.74
CA ALA A 51 -18.99 -19.67 -11.83
C ALA A 51 -18.03 -18.50 -11.62
N GLY A 52 -17.80 -18.13 -10.36
CA GLY A 52 -16.91 -17.02 -10.01
C GLY A 52 -17.68 -15.72 -9.81
N VAL A 53 -17.18 -14.63 -10.40
CA VAL A 53 -17.86 -13.34 -10.30
C VAL A 53 -19.28 -13.45 -10.85
N LYS A 54 -20.23 -13.13 -10.00
CA LYS A 54 -21.63 -13.04 -10.37
C LYS A 54 -21.86 -11.63 -10.88
N GLU A 55 -21.54 -10.66 -10.03
CA GLU A 55 -21.80 -9.26 -10.33
C GLU A 55 -20.61 -8.41 -9.92
N TYR A 56 -20.10 -7.60 -10.84
CA TYR A 56 -19.11 -6.57 -10.51
C TYR A 56 -19.84 -5.34 -10.00
N GLN A 57 -19.34 -4.73 -8.94
CA GLN A 57 -19.94 -3.53 -8.35
C GLN A 57 -18.88 -2.45 -8.20
N VAL A 58 -19.07 -1.36 -8.94
CA VAL A 58 -18.12 -0.25 -8.92
C VAL A 58 -18.78 0.96 -8.25
N VAL A 59 -18.26 1.30 -7.06
CA VAL A 59 -18.71 2.45 -6.31
C VAL A 59 -17.99 3.66 -6.90
N LEU A 60 -18.76 4.68 -7.25
CA LEU A 60 -18.32 5.73 -8.11
C LEU A 60 -18.86 7.08 -7.67
N GLU A 61 -18.02 8.09 -7.67
CA GLU A 61 -18.47 9.48 -7.51
C GLU A 61 -18.60 10.14 -8.87
N VAL A 62 -19.73 10.80 -9.09
CA VAL A 62 -19.99 11.48 -10.35
C VAL A 62 -20.10 12.98 -10.10
N GLY A 63 -19.27 13.75 -10.80
CA GLY A 63 -19.23 15.18 -10.62
C GLY A 63 -19.88 15.93 -11.76
N PHE A 64 -20.73 16.88 -11.43
CA PHE A 64 -21.47 17.64 -12.44
C PHE A 64 -21.65 19.11 -12.04
N ARG A 65 -21.74 19.97 -13.05
CA ARG A 65 -21.88 21.41 -12.80
C ARG A 65 -23.31 21.73 -12.37
N LEU A 66 -23.43 22.53 -11.31
CA LEU A 66 -24.73 23.02 -10.87
C LEU A 66 -25.10 24.27 -11.67
N GLU A 67 -26.39 24.39 -11.99
CA GLU A 67 -26.90 25.52 -12.77
C GLU A 67 -27.24 26.70 -11.86
N GLU A 68 -27.26 27.90 -12.43
CA GLU A 68 -27.86 29.07 -11.77
C GLU A 68 -27.09 29.52 -10.52
N THR A 69 -25.92 29.19 -10.34
N GLY B 2 21.32 -2.39 -0.99
CA GLY B 2 22.30 -2.02 -2.05
C GLY B 2 21.60 -1.44 -3.28
N LYS B 3 20.54 -2.11 -3.72
CA LYS B 3 19.74 -1.63 -4.84
C LYS B 3 18.82 -0.51 -4.38
N VAL B 4 18.67 0.50 -5.22
CA VAL B 4 17.76 1.61 -4.98
C VAL B 4 16.84 1.76 -6.17
N TYR B 5 15.55 1.92 -5.90
CA TYR B 5 14.55 2.15 -6.93
C TYR B 5 13.98 3.55 -6.79
N LYS B 6 13.41 4.04 -7.88
CA LYS B 6 12.67 5.30 -7.89
C LYS B 6 11.24 5.04 -8.36
N LYS B 7 10.31 5.82 -7.83
CA LYS B 7 8.92 5.77 -8.25
C LYS B 7 8.51 7.10 -8.87
N VAL B 8 7.87 7.01 -10.04
CA VAL B 8 7.36 8.18 -10.73
C VAL B 8 5.86 8.01 -10.85
N GLU B 9 5.13 9.12 -10.73
CA GLU B 9 3.67 9.07 -10.79
C GLU B 9 3.15 9.58 -12.13
N LEU B 10 2.45 8.71 -12.85
CA LEU B 10 1.94 9.02 -14.17
C LEU B 10 0.43 8.87 -14.21
N VAL B 11 -0.20 9.54 -15.19
CA VAL B 11 -1.61 9.35 -15.48
C VAL B 11 -1.77 8.91 -16.92
N GLY B 12 -2.12 7.64 -17.10
CA GLY B 12 -2.42 7.10 -18.42
C GLY B 12 -3.89 7.30 -18.74
N THR B 13 -4.17 7.64 -20.00
CA THR B 13 -5.55 7.84 -20.45
C THR B 13 -5.86 6.98 -21.66
N SER B 14 -7.14 6.64 -21.81
CA SER B 14 -7.62 5.89 -22.96
C SER B 14 -9.14 5.96 -23.04
N GLU B 15 -9.65 5.96 -24.26
CA GLU B 15 -11.09 5.91 -24.52
C GLU B 15 -11.61 4.46 -24.50
N GLU B 16 -10.71 3.49 -24.45
CA GLU B 16 -11.05 2.08 -24.57
C GLU B 16 -11.39 1.43 -23.23
N GLY B 17 -10.51 1.60 -22.25
CA GLY B 17 -10.71 0.97 -20.95
C GLY B 17 -9.55 1.16 -20.01
N LEU B 18 -9.59 0.44 -18.89
CA LEU B 18 -8.62 0.61 -17.81
C LEU B 18 -7.25 0.02 -18.13
N GLU B 19 -7.24 -1.19 -18.69
CA GLU B 19 -5.98 -1.82 -19.10
C GLU B 19 -5.24 -0.97 -20.14
N ALA B 20 -5.98 -0.47 -21.14
CA ALA B 20 -5.38 0.34 -22.21
C ALA B 20 -4.81 1.65 -21.65
N ALA B 21 -5.51 2.24 -20.68
CA ALA B 21 -5.01 3.41 -19.98
C ALA B 21 -3.68 3.13 -19.25
N ILE B 22 -3.60 1.99 -18.56
CA ILE B 22 -2.36 1.58 -17.91
C ILE B 22 -1.27 1.38 -18.95
N GLN B 23 -1.58 0.66 -20.01
CA GLN B 23 -0.61 0.37 -21.05
C GLN B 23 -0.08 1.64 -21.72
N ALA B 24 -0.95 2.65 -21.91
CA ALA B 24 -0.51 3.92 -22.49
C ALA B 24 0.55 4.58 -21.60
N ALA B 25 0.33 4.57 -20.29
CA ALA B 25 1.31 5.10 -19.33
C ALA B 25 2.64 4.35 -19.42
N LEU B 26 2.57 3.02 -19.44
CA LEU B 26 3.78 2.18 -19.47
C LEU B 26 4.52 2.34 -20.80
N ALA B 27 3.78 2.43 -21.90
CA ALA B 27 4.40 2.63 -23.21
C ALA B 27 5.20 3.94 -23.25
N ARG B 28 4.62 5.03 -22.75
CA ARG B 28 5.33 6.30 -22.70
C ARG B 28 6.50 6.25 -21.70
N ALA B 29 6.30 5.57 -20.58
CA ALA B 29 7.35 5.45 -19.57
C ALA B 29 8.62 4.81 -20.12
N ARG B 30 8.46 3.75 -20.91
CA ARG B 30 9.60 2.96 -21.35
C ARG B 30 10.42 3.62 -22.46
N LYS B 31 9.91 4.72 -23.03
CA LYS B 31 10.66 5.52 -23.99
C LYS B 31 11.79 6.29 -23.30
N THR B 32 11.54 6.70 -22.05
CA THR B 32 12.46 7.57 -21.32
C THR B 32 13.09 6.91 -20.09
N LEU B 33 12.35 6.02 -19.43
CA LEU B 33 12.86 5.35 -18.23
C LEU B 33 13.35 3.94 -18.55
N ARG B 34 14.38 3.50 -17.84
CA ARG B 34 14.95 2.15 -17.99
C ARG B 34 14.77 1.34 -16.71
N HIS B 35 14.75 0.01 -16.87
CA HIS B 35 14.62 -0.94 -15.78
C HIS B 35 13.28 -0.79 -15.03
N LEU B 36 12.22 -0.66 -15.81
CA LEU B 36 10.87 -0.62 -15.29
C LEU B 36 10.51 -1.99 -14.71
N ASP B 37 10.05 -2.00 -13.45
CA ASP B 37 9.83 -3.25 -12.73
C ASP B 37 8.37 -3.50 -12.37
N TRP B 38 7.73 -2.53 -11.73
CA TRP B 38 6.36 -2.72 -11.25
C TRP B 38 5.56 -1.44 -11.32
N PHE B 39 4.25 -1.57 -11.19
CA PHE B 39 3.35 -0.42 -11.07
C PHE B 39 2.31 -0.64 -9.97
N GLU B 40 1.77 0.46 -9.48
CA GLU B 40 0.73 0.48 -8.46
C GLU B 40 -0.34 1.49 -8.88
N VAL B 41 -1.57 1.05 -9.05
CA VAL B 41 -2.67 1.93 -9.37
C VAL B 41 -3.11 2.68 -8.12
N LYS B 42 -3.07 4.01 -8.17
CA LYS B 42 -3.46 4.81 -7.02
C LYS B 42 -4.90 5.27 -7.14
N GLU B 43 -5.37 5.46 -8.36
CA GLU B 43 -6.63 6.11 -8.58
C GLU B 43 -7.15 5.82 -9.99
N ILE B 44 -8.46 5.69 -10.09
CA ILE B 44 -9.15 5.50 -11.35
C ILE B 44 -10.21 6.59 -11.42
N ARG B 45 -10.10 7.44 -12.43
CA ARG B 45 -11.08 8.47 -12.69
C ARG B 45 -11.29 8.61 -14.21
N GLY B 46 -12.09 9.59 -14.60
CA GLY B 46 -12.32 9.81 -16.00
C GLY B 46 -13.25 10.97 -16.28
N THR B 47 -13.36 11.30 -17.57
CA THR B 47 -14.26 12.33 -18.03
C THR B 47 -15.51 11.69 -18.62
N ILE B 48 -16.59 12.46 -18.65
CA ILE B 48 -17.88 12.00 -19.12
C ILE B 48 -18.29 12.80 -20.35
N GLY B 49 -18.77 12.09 -21.37
CA GLY B 49 -19.27 12.70 -22.60
C GLY B 49 -20.72 12.31 -22.84
N GLU B 50 -21.20 12.59 -24.05
CA GLU B 50 -22.59 12.33 -24.40
C GLU B 50 -22.92 10.83 -24.41
N ALA B 51 -21.92 10.00 -24.67
CA ALA B 51 -22.10 8.54 -24.73
C ALA B 51 -21.51 7.81 -23.51
N GLY B 52 -21.44 8.52 -22.37
CA GLY B 52 -20.90 7.93 -21.15
C GLY B 52 -19.43 8.29 -20.96
N VAL B 53 -18.62 7.29 -20.61
CA VAL B 53 -17.19 7.51 -20.44
C VAL B 53 -16.59 8.06 -21.74
N LYS B 54 -15.98 9.23 -21.63
CA LYS B 54 -15.23 9.83 -22.70
C LYS B 54 -13.81 9.27 -22.61
N GLU B 55 -13.19 9.47 -21.45
CA GLU B 55 -11.81 9.10 -21.25
C GLU B 55 -11.63 8.44 -19.89
N TYR B 56 -11.03 7.24 -19.88
CA TYR B 56 -10.59 6.62 -18.62
C TYR B 56 -9.23 7.18 -18.25
N GLN B 57 -9.04 7.52 -16.98
CA GLN B 57 -7.77 8.06 -16.50
C GLN B 57 -7.31 7.25 -15.29
N VAL B 58 -6.16 6.59 -15.44
CA VAL B 58 -5.61 5.75 -14.39
C VAL B 58 -4.32 6.38 -13.86
N VAL B 59 -4.40 6.85 -12.62
CA VAL B 59 -3.26 7.43 -11.91
C VAL B 59 -2.43 6.28 -11.35
N LEU B 60 -1.15 6.29 -11.68
CA LEU B 60 -0.32 5.11 -11.58
C LEU B 60 1.06 5.50 -11.06
N GLU B 61 1.59 4.72 -10.12
CA GLU B 61 3.00 4.80 -9.76
C GLU B 61 3.80 3.74 -10.50
N VAL B 62 4.92 4.16 -11.08
CA VAL B 62 5.79 3.25 -11.82
C VAL B 62 7.14 3.19 -11.11
N GLY B 63 7.53 1.98 -10.72
CA GLY B 63 8.78 1.75 -10.01
C GLY B 63 9.84 1.17 -10.91
N PHE B 64 11.05 1.73 -10.83
CA PHE B 64 12.15 1.28 -11.66
C PHE B 64 13.49 1.37 -10.93
N ARG B 65 14.42 0.48 -11.30
CA ARG B 65 15.73 0.43 -10.65
C ARG B 65 16.59 1.60 -11.12
N LEU B 66 17.22 2.27 -10.17
CA LEU B 66 18.20 3.32 -10.49
C LEU B 66 19.57 2.68 -10.75
N GLU B 67 20.31 3.26 -11.70
CA GLU B 67 21.62 2.76 -12.09
C GLU B 67 22.76 3.34 -11.25
N GLU B 68 23.92 2.68 -11.34
CA GLU B 68 25.16 3.03 -10.62
C GLU B 68 24.96 3.45 -9.16
N THR B 69 24.24 2.77 -8.42
N GLY C 2 -26.19 -13.83 14.35
CA GLY C 2 -26.14 -15.32 14.36
C GLY C 2 -25.15 -15.86 13.35
N LYS C 3 -25.25 -15.38 12.11
CA LYS C 3 -24.33 -15.77 11.06
C LYS C 3 -22.98 -15.06 11.24
N VAL C 4 -21.90 -15.81 11.01
CA VAL C 4 -20.55 -15.28 11.08
C VAL C 4 -19.85 -15.58 9.77
N TYR C 5 -19.18 -14.56 9.22
CA TYR C 5 -18.40 -14.69 8.00
C TYR C 5 -16.92 -14.57 8.32
N LYS C 6 -16.10 -15.07 7.41
CA LYS C 6 -14.67 -14.88 7.46
C LYS C 6 -14.21 -14.24 6.16
N LYS C 7 -13.17 -13.43 6.26
CA LYS C 7 -12.54 -12.81 5.10
C LYS C 7 -11.10 -13.29 4.95
N VAL C 8 -10.75 -13.71 3.75
CA VAL C 8 -9.40 -14.13 3.43
C VAL C 8 -8.88 -13.19 2.35
N GLU C 9 -7.60 -12.84 2.44
CA GLU C 9 -6.98 -11.93 1.49
C GLU C 9 -6.13 -12.69 0.48
N LEU C 10 -6.48 -12.54 -0.80
CA LEU C 10 -5.81 -13.24 -1.88
C LEU C 10 -5.26 -12.25 -2.89
N VAL C 11 -4.28 -12.70 -3.67
CA VAL C 11 -3.80 -11.91 -4.81
C VAL C 11 -3.91 -12.76 -6.08
N GLY C 12 -4.87 -12.38 -6.93
CA GLY C 12 -5.05 -13.02 -8.22
C GLY C 12 -4.20 -12.34 -9.27
N THR C 13 -3.61 -13.14 -10.15
CA THR C 13 -2.75 -12.61 -11.21
C THR C 13 -3.22 -13.09 -12.58
N SER C 14 -2.93 -12.28 -13.60
CA SER C 14 -3.25 -12.64 -14.99
C SER C 14 -2.49 -11.73 -15.93
N GLU C 15 -2.12 -12.28 -17.08
CA GLU C 15 -1.49 -11.52 -18.16
C GLU C 15 -2.52 -10.81 -19.04
N GLU C 16 -3.81 -11.13 -18.85
CA GLU C 16 -4.89 -10.67 -19.73
C GLU C 16 -5.48 -9.33 -19.27
N GLY C 17 -5.85 -9.27 -18.00
CA GLY C 17 -6.51 -8.08 -17.49
C GLY C 17 -6.97 -8.21 -16.07
N LEU C 18 -7.75 -7.22 -15.63
CA LEU C 18 -8.14 -7.09 -14.24
C LEU C 18 -9.21 -8.11 -13.84
N GLU C 19 -10.23 -8.25 -14.69
CA GLU C 19 -11.30 -9.22 -14.46
C GLU C 19 -10.78 -10.66 -14.39
N ALA C 20 -9.87 -11.01 -15.30
CA ALA C 20 -9.27 -12.33 -15.32
C ALA C 20 -8.44 -12.59 -14.05
N ALA C 21 -7.72 -11.56 -13.60
CA ALA C 21 -6.97 -11.65 -12.34
C ALA C 21 -7.91 -11.93 -11.15
N ILE C 22 -9.04 -11.23 -11.12
CA ILE C 22 -10.03 -11.47 -10.06
C ILE C 22 -10.57 -12.89 -10.18
N GLN C 23 -10.94 -13.29 -11.39
CA GLN C 23 -11.49 -14.62 -11.62
C GLN C 23 -10.49 -15.72 -11.24
N ALA C 24 -9.19 -15.50 -11.49
CA ALA C 24 -8.19 -16.49 -11.10
C ALA C 24 -8.19 -16.70 -9.58
N ALA C 25 -8.28 -15.60 -8.84
CA ALA C 25 -8.35 -15.67 -7.36
C ALA C 25 -9.59 -16.43 -6.90
N LEU C 26 -10.74 -16.11 -7.49
CA LEU C 26 -12.01 -16.74 -7.12
C LEU C 26 -12.05 -18.22 -7.50
N ALA C 27 -11.49 -18.56 -8.66
CA ALA C 27 -11.42 -19.97 -9.10
C ALA C 27 -10.62 -20.82 -8.11
N ARG C 28 -9.46 -20.31 -7.67
CA ARG C 28 -8.65 -21.01 -6.69
C ARG C 28 -9.35 -21.05 -5.33
N ALA C 29 -9.97 -19.95 -4.95
CA ALA C 29 -10.66 -19.88 -3.67
C ALA C 29 -11.72 -20.99 -3.54
N ARG C 30 -12.51 -21.21 -4.59
CA ARG C 30 -13.67 -22.09 -4.52
C ARG C 30 -13.31 -23.58 -4.49
N LYS C 31 -12.04 -23.89 -4.76
CA LYS C 31 -11.54 -25.26 -4.62
C LYS C 31 -11.44 -25.67 -3.15
N THR C 32 -11.13 -24.70 -2.29
CA THR C 32 -10.86 -24.96 -0.89
C THR C 32 -11.89 -24.35 0.07
N LEU C 33 -12.42 -23.18 -0.29
CA LEU C 33 -13.39 -22.48 0.55
C LEU C 33 -14.82 -22.71 0.06
N ARG C 34 -15.75 -22.77 1.00
CA ARG C 34 -17.17 -22.96 0.69
C ARG C 34 -17.99 -21.75 1.14
N HIS C 35 -19.13 -21.55 0.48
CA HIS C 35 -20.07 -20.46 0.77
C HIS C 35 -19.46 -19.07 0.49
N LEU C 36 -18.75 -18.97 -0.62
CA LEU C 36 -18.18 -17.71 -1.07
C LEU C 36 -19.28 -16.73 -1.46
N ASP C 37 -19.25 -15.53 -0.88
CA ASP C 37 -20.37 -14.60 -1.04
C ASP C 37 -20.00 -13.33 -1.79
N TRP C 38 -18.93 -12.67 -1.35
CA TRP C 38 -18.56 -11.40 -1.93
C TRP C 38 -17.05 -11.21 -1.93
N PHE C 39 -16.61 -10.20 -2.69
CA PHE C 39 -15.22 -9.80 -2.72
C PHE C 39 -15.08 -8.27 -2.69
N GLU C 40 -13.92 -7.81 -2.24
CA GLU C 40 -13.58 -6.38 -2.18
C GLU C 40 -12.15 -6.21 -2.68
N VAL C 41 -11.99 -5.44 -3.76
CA VAL C 41 -10.67 -5.17 -4.31
C VAL C 41 -9.98 -4.16 -3.42
N LYS C 42 -8.78 -4.52 -2.94
CA LYS C 42 -8.05 -3.61 -2.05
C LYS C 42 -6.98 -2.85 -2.81
N GLU C 43 -6.47 -3.48 -3.85
CA GLU C 43 -5.30 -2.95 -4.53
C GLU C 43 -5.14 -3.56 -5.91
N ILE C 44 -4.68 -2.74 -6.85
CA ILE C 44 -4.37 -3.16 -8.20
C ILE C 44 -2.93 -2.74 -8.47
N ARG C 45 -2.09 -3.74 -8.77
CA ARG C 45 -0.70 -3.50 -9.12
C ARG C 45 -0.29 -4.48 -10.21
N GLY C 46 0.97 -4.46 -10.58
CA GLY C 46 1.46 -5.41 -11.56
C GLY C 46 2.92 -5.28 -11.87
N THR C 47 3.42 -6.19 -12.68
CA THR C 47 4.81 -6.19 -13.12
C THR C 47 4.89 -5.68 -14.54
N ILE C 48 6.04 -5.13 -14.89
CA ILE C 48 6.26 -4.53 -16.19
C ILE C 48 7.30 -5.35 -16.95
N GLY C 49 7.02 -5.61 -18.23
CA GLY C 49 7.93 -6.29 -19.13
C GLY C 49 8.27 -5.42 -20.33
N GLU C 50 8.88 -6.05 -21.35
CA GLU C 50 9.31 -5.36 -22.57
C GLU C 50 8.14 -4.80 -23.37
N ALA C 51 6.98 -5.45 -23.27
CA ALA C 51 5.77 -5.05 -23.99
C ALA C 51 4.72 -4.40 -23.10
N GLY C 52 5.16 -3.78 -22.00
CA GLY C 52 4.25 -3.12 -21.06
C GLY C 52 3.88 -4.03 -19.90
N VAL C 53 2.60 -4.07 -19.56
CA VAL C 53 2.12 -4.94 -18.49
C VAL C 53 2.52 -6.40 -18.78
N LYS C 54 3.27 -6.97 -17.86
CA LYS C 54 3.61 -8.37 -17.89
C LYS C 54 2.48 -9.11 -17.18
N GLU C 55 2.22 -8.71 -15.93
CA GLU C 55 1.26 -9.40 -15.09
C GLU C 55 0.42 -8.39 -14.33
N TYR C 56 -0.90 -8.50 -14.42
CA TYR C 56 -1.80 -7.74 -13.55
C TYR C 56 -1.97 -8.49 -12.24
N GLN C 57 -1.92 -7.75 -11.13
CA GLN C 57 -2.06 -8.35 -9.79
C GLN C 57 -3.14 -7.61 -9.02
N VAL C 58 -4.20 -8.33 -8.67
CA VAL C 58 -5.33 -7.75 -7.98
C VAL C 58 -5.41 -8.34 -6.58
N VAL C 59 -5.14 -7.49 -5.59
CA VAL C 59 -5.20 -7.85 -4.18
C VAL C 59 -6.64 -7.71 -3.74
N LEU C 60 -7.16 -8.80 -3.18
CA LEU C 60 -8.59 -9.00 -3.07
C LEU C 60 -8.90 -9.62 -1.71
N GLU C 61 -9.93 -9.12 -1.04
CA GLU C 61 -10.55 -9.81 0.10
C GLU C 61 -11.76 -10.60 -0.34
N VAL C 62 -11.84 -11.85 0.11
CA VAL C 62 -12.94 -12.73 -0.23
C VAL C 62 -13.68 -13.08 1.06
N GLY C 63 -14.98 -12.82 1.07
CA GLY C 63 -15.83 -13.07 2.21
C GLY C 63 -16.71 -14.29 2.03
N PHE C 64 -16.74 -15.15 3.04
CA PHE C 64 -17.54 -16.38 2.96
C PHE C 64 -18.14 -16.73 4.30
N ARG C 65 -19.29 -17.41 4.26
CA ARG C 65 -20.00 -17.79 5.48
C ARG C 65 -19.28 -18.94 6.16
N LEU C 66 -19.08 -18.82 7.46
CA LEU C 66 -18.55 -19.94 8.28
C LEU C 66 -19.68 -20.88 8.67
N GLU C 67 -19.38 -22.17 8.69
CA GLU C 67 -20.35 -23.21 9.03
C GLU C 67 -20.42 -23.46 10.51
N GLU C 68 -21.51 -24.11 10.92
CA GLU C 68 -21.72 -24.57 12.31
C GLU C 68 -21.75 -23.39 13.28
N THR C 69 -21.10 -23.42 14.34
N GLY D 2 -13.98 0.83 33.41
CA GLY D 2 -13.56 1.41 34.73
C GLY D 2 -12.21 2.10 34.62
N LYS D 3 -11.25 1.41 34.03
CA LYS D 3 -9.93 1.97 33.80
C LYS D 3 -9.97 2.92 32.61
N VAL D 4 -9.25 4.03 32.73
CA VAL D 4 -9.12 5.00 31.67
C VAL D 4 -7.64 5.24 31.41
N TYR D 5 -7.27 5.25 30.13
CA TYR D 5 -5.90 5.54 29.71
C TYR D 5 -5.85 6.86 28.95
N LYS D 6 -4.68 7.45 28.90
CA LYS D 6 -4.41 8.63 28.09
C LYS D 6 -3.28 8.31 27.12
N LYS D 7 -3.34 8.92 25.96
CA LYS D 7 -2.30 8.81 24.95
C LYS D 7 -1.67 10.17 24.72
N VAL D 8 -0.35 10.20 24.72
CA VAL D 8 0.42 11.41 24.44
C VAL D 8 1.30 11.14 23.22
N GLU D 9 1.43 12.14 22.36
CA GLU D 9 2.20 11.98 21.12
C GLU D 9 3.57 12.64 21.25
N LEU D 10 4.61 11.82 21.08
CA LEU D 10 5.99 12.27 21.22
C LEU D 10 6.77 12.00 19.95
N VAL D 11 7.86 12.74 19.77
CA VAL D 11 8.80 12.46 18.70
C VAL D 11 10.18 12.24 19.32
N GLY D 12 10.62 10.98 19.29
CA GLY D 12 11.95 10.62 19.74
C GLY D 12 12.94 10.72 18.61
N THR D 13 14.15 11.20 18.89
CA THR D 13 15.17 11.37 17.87
C THR D 13 16.46 10.66 18.30
N SER D 14 17.23 10.24 17.30
CA SER D 14 18.53 9.62 17.53
C SER D 14 19.34 9.59 16.25
N GLU D 15 20.65 9.71 16.39
CA GLU D 15 21.58 9.59 15.27
C GLU D 15 21.93 8.12 15.00
N GLU D 16 21.51 7.22 15.90
CA GLU D 16 21.93 5.82 15.85
C GLU D 16 20.99 4.93 15.05
N GLY D 17 19.69 5.05 15.31
CA GLY D 17 18.72 4.22 14.63
C GLY D 17 17.32 4.37 15.17
N LEU D 18 16.42 3.51 14.70
CA LEU D 18 14.99 3.61 15.00
C LEU D 18 14.66 3.20 16.43
N GLU D 19 15.24 2.09 16.88
CA GLU D 19 15.05 1.62 18.26
C GLU D 19 15.51 2.66 19.27
N ALA D 20 16.67 3.24 19.03
CA ALA D 20 17.25 4.25 19.93
C ALA D 20 16.36 5.50 19.96
N ALA D 21 15.81 5.87 18.82
CA ALA D 21 14.86 6.98 18.74
C ALA D 21 13.62 6.72 19.60
N ILE D 22 13.09 5.51 19.52
CA ILE D 22 11.95 5.11 20.33
C ILE D 22 12.33 5.16 21.81
N GLN D 23 13.47 4.58 22.14
CA GLN D 23 13.92 4.52 23.52
C GLN D 23 14.14 5.92 24.11
N ALA D 24 14.64 6.86 23.31
CA ALA D 24 14.81 8.24 23.76
C ALA D 24 13.47 8.85 24.17
N ALA D 25 12.44 8.64 23.35
CA ALA D 25 11.10 9.11 23.67
C ALA D 25 10.59 8.49 24.99
N LEU D 26 10.71 7.17 25.11
CA LEU D 26 10.26 6.46 26.31
C LEU D 26 11.03 6.85 27.57
N ALA D 27 12.34 7.06 27.43
CA ALA D 27 13.17 7.50 28.57
C ALA D 27 12.70 8.85 29.10
N ARG D 28 12.46 9.81 28.21
CA ARG D 28 11.95 11.12 28.61
C ARG D 28 10.53 11.01 29.17
N ALA D 29 9.70 10.17 28.54
CA ALA D 29 8.32 10.00 28.98
C ALA D 29 8.23 9.55 30.44
N ARG D 30 9.09 8.61 30.84
CA ARG D 30 8.99 7.99 32.17
C ARG D 30 9.48 8.88 33.30
N LYS D 31 10.14 9.99 32.96
CA LYS D 31 10.53 10.98 33.96
C LYS D 31 9.32 11.74 34.49
N THR D 32 8.32 11.94 33.63
CA THR D 32 7.16 12.78 33.94
C THR D 32 5.85 12.01 34.01
N LEU D 33 5.70 10.97 33.19
CA LEU D 33 4.47 10.17 33.16
C LEU D 33 4.65 8.88 33.96
N ARG D 34 3.55 8.43 34.57
CA ARG D 34 3.52 7.18 35.32
C ARG D 34 2.56 6.16 34.67
N HIS D 35 2.81 4.89 34.95
CA HIS D 35 2.00 3.78 34.45
C HIS D 35 2.01 3.69 32.92
N LEU D 36 3.20 3.85 32.34
CA LEU D 36 3.40 3.70 30.90
C LEU D 36 3.19 2.24 30.49
N ASP D 37 2.31 2.02 29.51
CA ASP D 37 1.90 0.65 29.17
C ASP D 37 2.33 0.24 27.78
N TRP D 38 1.99 1.03 26.77
CA TRP D 38 2.26 0.67 25.39
C TRP D 38 2.61 1.88 24.54
N PHE D 39 3.15 1.61 23.36
CA PHE D 39 3.40 2.64 22.36
C PHE D 39 2.97 2.17 20.97
N GLU D 40 2.73 3.15 20.09
CA GLU D 40 2.35 2.92 18.70
C GLU D 40 3.14 3.89 17.85
N VAL D 41 3.94 3.36 16.94
CA VAL D 41 4.66 4.20 15.98
C VAL D 41 3.70 4.70 14.93
N LYS D 42 3.64 6.02 14.76
CA LYS D 42 2.75 6.63 13.76
C LYS D 42 3.50 6.98 12.51
N GLU D 43 4.78 7.31 12.67
CA GLU D 43 5.53 7.88 11.57
C GLU D 43 7.03 7.76 11.82
N ILE D 44 7.76 7.48 10.74
CA ILE D 44 9.22 7.45 10.74
C ILE D 44 9.68 8.47 9.70
N ARG D 45 10.48 9.43 10.16
CA ARG D 45 11.10 10.40 9.27
C ARG D 45 12.50 10.74 9.78
N GLY D 46 13.16 11.70 9.14
CA GLY D 46 14.46 12.12 9.59
C GLY D 46 15.07 13.23 8.75
N THR D 47 16.21 13.71 9.23
CA THR D 47 16.98 14.73 8.52
C THR D 47 18.15 14.09 7.81
N ILE D 48 18.62 14.74 6.76
CA ILE D 48 19.70 14.24 5.93
C ILE D 48 20.90 15.17 6.05
N GLY D 49 22.07 14.57 6.23
CA GLY D 49 23.34 15.31 6.26
C GLY D 49 24.28 14.85 5.17
N GLU D 50 25.55 15.25 5.29
CA GLU D 50 26.57 14.92 4.30
C GLU D 50 26.88 13.42 4.22
N ALA D 51 26.67 12.71 5.33
CA ALA D 51 26.92 11.27 5.42
C ALA D 51 25.63 10.44 5.47
N GLY D 52 24.56 10.97 4.87
CA GLY D 52 23.27 10.27 4.85
C GLY D 52 22.37 10.71 6.00
N VAL D 53 21.74 9.74 6.67
CA VAL D 53 20.89 10.06 7.82
C VAL D 53 21.69 10.83 8.87
N LYS D 54 21.18 12.01 9.19
CA LYS D 54 21.71 12.84 10.25
C LYS D 54 20.99 12.41 11.52
N GLU D 55 19.66 12.47 11.48
CA GLU D 55 18.83 12.20 12.65
C GLU D 55 17.62 11.37 12.24
N TYR D 56 17.40 10.25 12.93
CA TYR D 56 16.16 9.49 12.80
C TYR D 56 15.12 10.08 13.73
N GLN D 57 13.89 10.25 13.23
CA GLN D 57 12.79 10.83 14.02
C GLN D 57 11.58 9.93 13.99
N VAL D 58 11.22 9.39 15.16
CA VAL D 58 10.12 8.44 15.26
C VAL D 58 8.98 9.10 16.02
N VAL D 59 7.90 9.38 15.29
CA VAL D 59 6.68 9.93 15.87
C VAL D 59 5.89 8.79 16.49
N LEU D 60 5.55 8.96 17.76
CA LEU D 60 5.15 7.87 18.61
C LEU D 60 4.02 8.28 19.51
N GLU D 61 3.01 7.43 19.64
CA GLU D 61 1.98 7.60 20.67
C GLU D 61 2.32 6.72 21.86
N VAL D 62 2.24 7.30 23.06
CA VAL D 62 2.53 6.58 24.28
C VAL D 62 1.28 6.52 25.14
N GLY D 63 0.87 5.30 25.48
CA GLY D 63 -0.35 5.08 26.24
C GLY D 63 -0.05 4.73 27.67
N PHE D 64 -0.76 5.37 28.60
CA PHE D 64 -0.54 5.15 30.03
C PHE D 64 -1.85 5.25 30.81
N ARG D 65 -1.90 4.51 31.93
CA ARG D 65 -3.10 4.48 32.77
C ARG D 65 -3.21 5.77 33.57
N LEU D 66 -4.41 6.36 33.57
CA LEU D 66 -4.70 7.51 34.43
C LEU D 66 -5.09 7.05 35.83
N GLU D 67 -4.66 7.82 36.84
CA GLU D 67 -4.91 7.49 38.24
C GLU D 67 -6.25 8.04 38.72
N GLU D 68 -6.71 7.47 39.85
CA GLU D 68 -7.95 7.87 40.55
C GLU D 68 -9.06 8.49 39.69
N THR D 69 -9.46 7.90 38.69
N GLY E 2 -3.09 -16.47 -13.50
CA GLY E 2 -3.00 -17.93 -13.26
C GLY E 2 -2.54 -18.26 -11.85
N LYS E 3 -1.47 -17.59 -11.41
CA LYS E 3 -0.98 -17.76 -10.04
C LYS E 3 -1.88 -16.99 -9.06
N VAL E 4 -2.12 -17.61 -7.91
CA VAL E 4 -2.88 -17.00 -6.84
C VAL E 4 -2.05 -17.04 -5.55
N TYR E 5 -1.99 -15.91 -4.86
CA TYR E 5 -1.30 -15.81 -3.58
C TYR E 5 -2.32 -15.62 -2.46
N LYS E 6 -1.89 -15.92 -1.25
CA LYS E 6 -2.66 -15.63 -0.05
C LYS E 6 -1.82 -14.77 0.87
N LYS E 7 -2.49 -13.90 1.62
CA LYS E 7 -1.84 -13.07 2.64
C LYS E 7 -2.38 -13.41 4.01
N VAL E 8 -1.47 -13.63 4.95
CA VAL E 8 -1.82 -13.89 6.34
C VAL E 8 -1.21 -12.78 7.18
N GLU E 9 -1.93 -12.36 8.22
CA GLU E 9 -1.49 -11.28 9.07
C GLU E 9 -0.96 -11.81 10.40
N LEU E 10 0.30 -11.52 10.68
CA LEU E 10 0.98 -11.99 11.88
C LEU E 10 1.51 -10.83 12.70
N VAL E 11 1.75 -11.08 13.98
CA VAL E 11 2.42 -10.12 14.84
C VAL E 11 3.64 -10.78 15.45
N GLY E 12 4.81 -10.37 14.98
CA GLY E 12 6.09 -10.84 15.52
C GLY E 12 6.52 -9.95 16.69
N THR E 13 7.07 -10.56 17.72
CA THR E 13 7.52 -9.82 18.89
C THR E 13 8.98 -10.14 19.22
N SER E 14 9.65 -9.17 19.83
CA SER E 14 11.04 -9.35 20.25
C SER E 14 11.42 -8.25 21.23
N GLU E 15 12.28 -8.60 22.18
CA GLU E 15 12.83 -7.65 23.13
C GLU E 15 14.04 -6.91 22.55
N GLU E 16 14.53 -7.37 21.40
CA GLU E 16 15.79 -6.89 20.80
C GLU E 16 15.59 -5.69 19.89
N GLY E 17 14.65 -5.80 18.96
CA GLY E 17 14.42 -4.73 18.00
C GLY E 17 13.43 -5.11 16.92
N LEU E 18 13.34 -4.26 15.91
CA LEU E 18 12.29 -4.36 14.89
C LEU E 18 12.57 -5.48 13.89
N GLU E 19 13.82 -5.59 13.45
CA GLU E 19 14.22 -6.67 12.53
C GLU E 19 14.03 -8.05 13.16
N ALA E 20 14.40 -8.19 14.43
CA ALA E 20 14.23 -9.46 15.15
C ALA E 20 12.75 -9.81 15.30
N ALA E 21 11.93 -8.81 15.56
CA ALA E 21 10.47 -9.01 15.62
C ALA E 21 9.91 -9.53 14.30
N ILE E 22 10.37 -8.94 13.18
CA ILE E 22 9.95 -9.40 11.85
C ILE E 22 10.46 -10.85 11.64
N GLN E 23 11.72 -11.09 11.96
CA GLN E 23 12.31 -12.40 11.77
C GLN E 23 11.63 -13.49 12.60
N ALA E 24 11.17 -13.14 13.80
CA ALA E 24 10.40 -14.08 14.63
C ALA E 24 9.10 -14.50 13.96
N ALA E 25 8.41 -13.54 13.36
CA ALA E 25 7.18 -13.82 12.62
C ALA E 25 7.47 -14.74 11.42
N LEU E 26 8.50 -14.40 10.65
CA LEU E 26 8.85 -15.18 9.46
C LEU E 26 9.33 -16.58 9.80
N ALA E 27 10.06 -16.71 10.90
CA ALA E 27 10.54 -18.03 11.36
C ALA E 27 9.37 -18.95 11.69
N ARG E 28 8.38 -18.44 12.44
CA ARG E 28 7.20 -19.21 12.76
C ARG E 28 6.36 -19.49 11.51
N ALA E 29 6.27 -18.50 10.63
CA ALA E 29 5.48 -18.66 9.40
C ALA E 29 5.98 -19.83 8.55
N ARG E 30 7.30 -19.98 8.41
CA ARG E 30 7.86 -20.97 7.50
C ARG E 30 7.79 -22.41 8.01
N LYS E 31 7.43 -22.59 9.28
CA LYS E 31 7.17 -23.91 9.84
C LYS E 31 5.89 -24.51 9.27
N THR E 32 4.91 -23.65 9.02
CA THR E 32 3.57 -24.08 8.61
C THR E 32 3.18 -23.68 7.18
N LEU E 33 3.67 -22.53 6.72
CA LEU E 33 3.34 -22.05 5.38
C LEU E 33 4.48 -22.33 4.42
N ARG E 34 4.13 -22.60 3.15
CA ARG E 34 5.11 -22.85 2.09
C ARG E 34 5.02 -21.76 1.02
N HIS E 35 6.14 -21.57 0.31
CA HIS E 35 6.26 -20.62 -0.79
C HIS E 35 6.07 -19.18 -0.32
N LEU E 36 6.69 -18.85 0.82
CA LEU E 36 6.70 -17.51 1.36
C LEU E 36 7.49 -16.59 0.44
N ASP E 37 6.88 -15.47 0.02
CA ASP E 37 7.47 -14.60 -0.99
C ASP E 37 7.81 -13.22 -0.48
N TRP E 38 6.86 -12.54 0.14
CA TRP E 38 7.09 -11.17 0.57
C TRP E 38 6.35 -10.85 1.87
N PHE E 39 6.71 -9.73 2.47
CA PHE E 39 6.01 -9.20 3.63
C PHE E 39 5.80 -7.68 3.53
N GLU E 40 4.79 -7.20 4.26
CA GLU E 40 4.46 -5.79 4.33
C GLU E 40 4.19 -5.45 5.78
N VAL E 41 4.98 -4.52 6.33
CA VAL E 41 4.76 -4.06 7.69
C VAL E 41 3.56 -3.14 7.73
N LYS E 42 2.58 -3.46 8.57
CA LYS E 42 1.39 -2.63 8.68
C LYS E 42 1.47 -1.72 9.88
N GLU E 43 2.16 -2.15 10.92
CA GLU E 43 2.13 -1.44 12.16
C GLU E 43 3.30 -1.83 13.05
N ILE E 44 3.83 -0.85 13.76
CA ILE E 44 4.89 -1.03 14.74
C ILE E 44 4.38 -0.49 16.07
N ARG E 45 4.31 -1.36 17.06
CA ARG E 45 3.92 -0.97 18.42
C ARG E 45 4.76 -1.75 19.43
N GLY E 46 4.44 -1.59 20.70
CA GLY E 46 5.15 -2.34 21.72
C GLY E 46 4.67 -2.05 23.12
N THR E 47 5.22 -2.80 24.06
CA THR E 47 4.92 -2.63 25.48
C THR E 47 6.08 -1.91 26.14
N ILE E 48 5.77 -1.24 27.25
CA ILE E 48 6.74 -0.43 27.97
C ILE E 48 6.96 -1.04 29.35
N GLY E 49 8.23 -1.13 29.76
CA GLY E 49 8.61 -1.61 31.09
C GLY E 49 9.41 -0.57 31.83
N GLU E 50 10.04 -1.00 32.92
CA GLU E 50 10.82 -0.11 33.78
C GLU E 50 12.07 0.45 33.07
N ALA E 51 12.60 -0.29 32.10
CA ALA E 51 13.79 0.11 31.35
C ALA E 51 13.47 0.55 29.91
N GLY E 52 12.25 1.05 29.68
CA GLY E 52 11.83 1.50 28.35
C GLY E 52 11.11 0.39 27.62
N VAL E 53 11.42 0.21 26.34
CA VAL E 53 10.78 -0.84 25.54
C VAL E 53 10.98 -2.19 26.22
N LYS E 54 9.84 -2.82 26.50
CA LYS E 54 9.83 -4.18 27.00
C LYS E 54 9.83 -5.10 25.80
N GLU E 55 8.85 -4.92 24.92
CA GLU E 55 8.65 -5.78 23.77
C GLU E 55 8.31 -4.94 22.54
N TYR E 56 9.05 -5.14 21.45
CA TYR E 56 8.67 -4.58 20.14
C TYR E 56 7.67 -5.53 19.49
N GLN E 57 6.61 -4.96 18.92
CA GLN E 57 5.58 -5.75 18.24
C GLN E 57 5.38 -5.22 16.83
N VAL E 58 5.66 -6.06 15.83
CA VAL E 58 5.57 -5.66 14.44
C VAL E 58 4.43 -6.44 13.79
N VAL E 59 3.36 -5.73 13.43
CA VAL E 59 2.21 -6.30 12.75
C VAL E 59 2.54 -6.34 11.28
N LEU E 60 2.40 -7.53 10.71
CA LEU E 60 3.01 -7.86 9.44
C LEU E 60 2.05 -8.68 8.60
N GLU E 61 1.95 -8.36 7.32
CA GLU E 61 1.31 -9.25 6.35
C GLU E 61 2.36 -10.08 5.63
N VAL E 62 2.09 -11.37 5.53
CA VAL E 62 2.99 -12.31 4.85
C VAL E 62 2.28 -12.91 3.63
N GLY E 63 2.87 -12.70 2.45
CA GLY E 63 2.30 -13.18 1.20
C GLY E 63 3.01 -14.43 0.71
N PHE E 64 2.22 -15.43 0.30
CA PHE E 64 2.77 -16.69 -0.19
C PHE E 64 1.93 -17.29 -1.31
N ARG E 65 2.59 -18.04 -2.20
CA ARG E 65 1.92 -18.64 -3.34
C ARG E 65 1.07 -19.84 -2.90
N LEU E 66 -0.17 -19.89 -3.36
CA LEU E 66 -1.04 -21.03 -3.13
C LEU E 66 -0.75 -22.11 -4.18
N GLU E 67 -0.82 -23.37 -3.75
CA GLU E 67 -0.55 -24.51 -4.63
C GLU E 67 -1.79 -24.95 -5.39
N GLU E 68 -1.58 -25.66 -6.50
CA GLU E 68 -2.64 -26.23 -7.38
C GLU E 68 -3.86 -25.34 -7.63
N THR E 69 -3.91 -24.54 -8.58
N GLY F 2 8.90 31.72 -0.47
CA GLY F 2 10.01 32.03 -1.41
C GLY F 2 10.79 30.77 -1.80
N LYS F 3 11.14 29.98 -0.80
CA LYS F 3 11.82 28.71 -1.03
C LYS F 3 10.83 27.67 -1.51
N VAL F 4 11.26 26.85 -2.47
CA VAL F 4 10.47 25.74 -2.97
C VAL F 4 11.29 24.46 -2.86
N TYR F 5 10.66 23.40 -2.37
CA TYR F 5 11.29 22.09 -2.26
C TYR F 5 10.62 21.13 -3.23
N LYS F 6 11.33 20.05 -3.55
CA LYS F 6 10.77 18.94 -4.31
C LYS F 6 10.90 17.66 -3.50
N LYS F 7 9.95 16.76 -3.68
CA LYS F 7 9.99 15.44 -3.06
C LYS F 7 10.09 14.36 -4.14
N VAL F 8 11.03 13.44 -3.95
CA VAL F 8 11.19 12.30 -4.84
C VAL F 8 11.00 11.03 -4.01
N GLU F 9 10.31 10.05 -4.61
CA GLU F 9 10.02 8.80 -3.91
C GLU F 9 10.97 7.70 -4.34
N LEU F 10 11.71 7.17 -3.37
CA LEU F 10 12.70 6.14 -3.61
C LEU F 10 12.39 4.88 -2.79
N VAL F 11 12.93 3.76 -3.23
CA VAL F 11 12.87 2.52 -2.46
C VAL F 11 14.30 2.02 -2.23
N GLY F 12 14.76 2.14 -0.99
CA GLY F 12 16.07 1.63 -0.61
C GLY F 12 15.95 0.19 -0.16
N THR F 13 16.93 -0.63 -0.52
CA THR F 13 16.92 -2.05 -0.14
C THR F 13 18.22 -2.45 0.56
N SER F 14 18.12 -3.45 1.42
CA SER F 14 19.29 -3.97 2.13
C SER F 14 18.95 -5.32 2.73
N GLU F 15 19.96 -6.19 2.79
CA GLU F 15 19.85 -7.49 3.44
C GLU F 15 20.10 -7.38 4.95
N GLU F 16 20.59 -6.22 5.39
CA GLU F 16 21.03 -6.03 6.78
C GLU F 16 19.93 -5.58 7.72
N GLY F 17 19.19 -4.54 7.32
CA GLY F 17 18.14 -3.99 8.16
C GLY F 17 17.52 -2.73 7.60
N LEU F 18 16.70 -2.08 8.43
CA LEU F 18 15.88 -0.95 8.00
C LEU F 18 16.71 0.32 7.83
N GLU F 19 17.59 0.59 8.79
CA GLU F 19 18.47 1.77 8.71
C GLU F 19 19.38 1.71 7.48
N ALA F 20 19.94 0.53 7.21
CA ALA F 20 20.83 0.33 6.05
C ALA F 20 20.06 0.53 4.74
N ALA F 21 18.81 0.06 4.70
CA ALA F 21 17.94 0.28 3.55
C ALA F 21 17.71 1.78 3.30
N ILE F 22 17.45 2.53 4.37
CA ILE F 22 17.27 3.98 4.27
C ILE F 22 18.56 4.60 3.77
N GLN F 23 19.68 4.22 4.39
CA GLN F 23 20.97 4.79 4.02
C GLN F 23 21.34 4.52 2.57
N ALA F 24 21.00 3.33 2.05
CA ALA F 24 21.23 3.01 0.64
C ALA F 24 20.48 3.97 -0.28
N ALA F 25 19.23 4.27 0.05
CA ALA F 25 18.44 5.24 -0.72
C ALA F 25 19.09 6.64 -0.69
N LEU F 26 19.49 7.08 0.50
CA LEU F 26 20.08 8.40 0.67
C LEU F 26 21.44 8.52 0.00
N ALA F 27 22.24 7.45 0.05
CA ALA F 27 23.55 7.42 -0.61
C ALA F 27 23.39 7.60 -2.11
N ARG F 28 22.46 6.86 -2.72
CA ARG F 28 22.21 7.00 -4.15
C ARG F 28 21.62 8.37 -4.48
N ALA F 29 20.73 8.86 -3.62
CA ALA F 29 20.10 10.16 -3.84
C ALA F 29 21.13 11.29 -3.95
N ARG F 30 22.12 11.28 -3.06
CA ARG F 30 23.08 12.40 -2.98
C ARG F 30 24.10 12.44 -4.12
N LYS F 31 24.16 11.38 -4.92
CA LYS F 31 24.98 11.37 -6.13
C LYS F 31 24.40 12.27 -7.21
N THR F 32 23.07 12.34 -7.25
CA THR F 32 22.37 13.05 -8.31
C THR F 32 21.60 14.29 -7.84
N LEU F 33 21.06 14.24 -6.61
CA LEU F 33 20.30 15.37 -6.06
C LEU F 33 21.14 16.21 -5.12
N ARG F 34 20.88 17.52 -5.11
CA ARG F 34 21.55 18.46 -4.20
C ARG F 34 20.58 19.07 -3.20
N HIS F 35 21.13 19.51 -2.07
CA HIS F 35 20.38 20.17 -1.00
C HIS F 35 19.32 19.25 -0.38
N LEU F 36 19.73 18.00 -0.14
CA LEU F 36 18.89 17.01 0.52
C LEU F 36 18.65 17.44 1.96
N ASP F 37 17.39 17.50 2.38
CA ASP F 37 17.05 18.05 3.70
C ASP F 37 16.42 17.03 4.64
N TRP F 38 15.37 16.36 4.18
CA TRP F 38 14.64 15.44 5.06
C TRP F 38 14.09 14.25 4.30
N PHE F 39 13.69 13.23 5.05
CA PHE F 39 13.02 12.07 4.49
C PHE F 39 11.79 11.68 5.32
N GLU F 40 10.87 10.96 4.68
CA GLU F 40 9.66 10.44 5.30
C GLU F 40 9.45 9.00 4.84
N VAL F 41 9.47 8.05 5.77
CA VAL F 41 9.22 6.65 5.45
C VAL F 41 7.74 6.48 5.18
N LYS F 42 7.41 5.95 4.01
CA LYS F 42 6.03 5.70 3.66
C LYS F 42 5.64 4.27 3.89
N GLU F 43 6.59 3.37 3.74
CA GLU F 43 6.26 1.96 3.74
C GLU F 43 7.51 1.11 4.01
N ILE F 44 7.31 0.03 4.73
CA ILE F 44 8.33 -0.96 5.01
C ILE F 44 7.82 -2.31 4.54
N ARG F 45 8.54 -2.91 3.60
CA ARG F 45 8.21 -4.24 3.10
C ARG F 45 9.49 -5.02 2.84
N GLY F 46 9.37 -6.20 2.28
CA GLY F 46 10.54 -6.98 1.94
C GLY F 46 10.21 -8.31 1.33
N THR F 47 11.26 -9.00 0.90
CA THR F 47 11.17 -10.32 0.31
C THR F 47 11.59 -11.37 1.34
N ILE F 48 11.08 -12.58 1.16
CA ILE F 48 11.33 -13.67 2.09
C ILE F 48 12.12 -14.76 1.38
N GLY F 49 13.14 -15.26 2.06
CA GLY F 49 13.95 -16.38 1.56
C GLY F 49 13.91 -17.55 2.53
N GLU F 50 14.83 -18.50 2.31
CA GLU F 50 14.90 -19.71 3.11
C GLU F 50 15.30 -19.44 4.58
N ALA F 51 16.01 -18.35 4.81
CA ALA F 51 16.46 -17.96 6.16
C ALA F 51 15.72 -16.75 6.71
N GLY F 52 14.47 -16.54 6.26
CA GLY F 52 13.66 -15.41 6.71
C GLY F 52 13.79 -14.24 5.76
N VAL F 53 13.94 -13.03 6.30
CA VAL F 53 14.08 -11.84 5.48
C VAL F 53 15.25 -11.99 4.54
N LYS F 54 14.95 -11.88 3.25
CA LYS F 54 15.96 -11.87 2.20
C LYS F 54 16.40 -10.41 2.05
N GLU F 55 15.43 -9.54 1.77
CA GLU F 55 15.70 -8.14 1.49
C GLU F 55 14.69 -7.26 2.20
N TYR F 56 15.18 -6.29 2.97
CA TYR F 56 14.33 -5.24 3.53
C TYR F 56 14.17 -4.15 2.48
N GLN F 57 12.95 -3.67 2.29
CA GLN F 57 12.65 -2.62 1.32
C GLN F 57 11.92 -1.47 2.01
N VAL F 58 12.52 -0.29 2.02
CA VAL F 58 11.96 0.86 2.67
C VAL F 58 11.59 1.92 1.62
N VAL F 59 10.29 2.14 1.46
CA VAL F 59 9.76 3.13 0.54
C VAL F 59 9.78 4.48 1.24
N LEU F 60 10.41 5.45 0.59
CA LEU F 60 10.90 6.64 1.24
C LEU F 60 10.66 7.84 0.35
N GLU F 61 10.17 8.93 0.92
CA GLU F 61 10.16 10.22 0.24
C GLU F 61 11.36 11.05 0.70
N VAL F 62 12.07 11.63 -0.26
CA VAL F 62 13.23 12.46 0.02
C VAL F 62 12.95 13.89 -0.43
N GLY F 63 13.06 14.83 0.51
CA GLY F 63 12.77 16.23 0.25
C GLY F 63 14.04 17.05 0.13
N PHE F 64 14.12 17.89 -0.90
CA PHE F 64 15.30 18.70 -1.16
C PHE F 64 14.94 20.07 -1.74
N ARG F 65 15.78 21.07 -1.44
CA ARG F 65 15.54 22.42 -1.89
C ARG F 65 15.85 22.57 -3.37
N LEU F 66 14.92 23.17 -4.12
CA LEU F 66 15.15 23.49 -5.53
C LEU F 66 15.92 24.80 -5.64
N GLU F 67 16.81 24.87 -6.63
CA GLU F 67 17.66 26.03 -6.85
C GLU F 67 17.00 27.07 -7.75
N GLU F 68 17.57 28.28 -7.76
CA GLU F 68 17.17 29.42 -8.61
C GLU F 68 15.66 29.65 -8.76
N THR F 69 15.03 30.28 -7.90
N1 FMN G . -11.12 16.89 -15.79
C2 FMN G . -10.50 15.77 -16.26
O2 FMN G . -10.25 15.65 -17.46
N3 FMN G . -10.11 14.76 -15.40
C4 FMN G . -10.39 14.86 -14.05
O4 FMN G . -10.63 13.80 -13.47
C4A FMN G . -11.00 16.02 -13.57
N5 FMN G . -11.26 16.15 -12.22
C5A FMN G . -11.88 17.28 -11.73
C6 FMN G . -12.12 17.37 -10.36
C7 FMN G . -12.74 18.49 -9.83
C7M FMN G . -12.57 18.75 -8.37
C8 FMN G . -13.12 19.52 -10.70
C8M FMN G . -14.00 20.63 -10.19
C9 FMN G . -12.89 19.44 -12.06
C9A FMN G . -12.26 18.31 -12.59
N10 FMN G . -12.00 18.17 -13.96
C10 FMN G . -11.37 17.03 -14.43
C1' FMN G . -12.44 19.21 -14.97
C2' FMN G . -13.86 18.89 -15.43
O2' FMN G . -13.88 17.61 -16.02
C3' FMN G . -14.41 19.92 -16.43
O3' FMN G . -13.75 19.78 -17.67
C4' FMN G . -14.30 21.36 -15.93
O4' FMN G . -14.73 21.42 -14.60
C5' FMN G . -15.08 22.36 -16.78
O5' FMN G . -16.39 21.89 -17.00
P FMN G . -17.69 22.85 -16.96
O1P FMN G . -18.90 21.94 -16.87
O2P FMN G . -17.63 23.77 -15.77
O3P FMN G . -17.76 23.67 -18.24
NA NA H . -10.97 -3.86 -16.76
N1 FMN I . -23.45 -8.16 -1.09
C2 FMN I . -23.28 -7.51 -2.29
O2 FMN I . -24.02 -7.74 -3.23
N3 FMN I . -22.28 -6.57 -2.41
C4 FMN I . -21.42 -6.30 -1.38
O4 FMN I . -20.25 -6.16 -1.75
C4A FMN I . -21.62 -6.95 -0.15
N5 FMN I . -20.80 -6.68 0.93
C5A FMN I . -20.97 -7.34 2.13
C6 FMN I . -20.12 -7.04 3.20
C7 FMN I . -20.29 -7.69 4.41
C7M FMN I . -19.72 -7.01 5.62
C8 FMN I . -21.30 -8.64 4.56
C8M FMN I . -21.28 -9.56 5.74
C9 FMN I . -22.15 -8.94 3.51
C9A FMN I . -22.00 -8.29 2.27
N10 FMN I . -22.83 -8.56 1.19
C10 FMN I . -22.62 -7.90 -0.01
C1' FMN I . -23.94 -9.57 1.28
C2' FMN I . -23.40 -10.97 0.96
O2' FMN I . -22.85 -10.96 -0.33
C3' FMN I . -24.47 -12.06 1.08
O3' FMN I . -25.40 -11.97 0.02
C4' FMN I . -25.24 -12.05 2.40
O4' FMN I . -24.39 -11.76 3.50
C5' FMN I . -25.91 -13.40 2.65
O5' FMN I . -24.92 -14.40 2.79
P FMN I . -25.36 -15.90 3.19
O1P FMN I . -24.23 -16.83 2.78
O2P FMN I . -25.59 -15.96 4.68
O3P FMN I . -26.63 -16.26 2.45
N1 FMN J . 13.01 19.13 9.22
C2 FMN J . 13.15 18.15 10.19
O2 FMN J . 14.08 18.20 10.98
N3 FMN J . 12.23 17.13 10.28
C4 FMN J . 11.17 17.07 9.38
O4 FMN J . 10.76 15.95 9.09
C4A FMN J . 11.02 18.07 8.42
N5 FMN J . 9.95 18.03 7.54
C5A FMN J . 9.80 19.00 6.58
C6 FMN J . 8.72 18.92 5.71
C7 FMN J . 8.55 19.89 4.74
C7M FMN J . 7.21 19.97 4.05
C8 FMN J . 9.46 20.94 4.62
C8M FMN J . 9.25 22.03 3.61
C9 FMN J . 10.56 21.02 5.48
C9A FMN J . 10.73 20.04 6.47
N10 FMN J . 11.80 20.09 7.37
C10 FMN J . 11.94 19.10 8.33
C1' FMN J . 12.76 21.25 7.40
C2' FMN J . 13.96 20.94 6.50
O2' FMN J . 14.54 19.71 6.88
C3' FMN J . 15.04 22.02 6.59
O3' FMN J . 15.64 22.00 7.87
C4' FMN J . 14.52 23.42 6.34
O4' FMN J . 13.53 23.41 5.31
C5' FMN J . 15.66 24.35 5.95
O5' FMN J . 16.17 23.93 4.71
P FMN J . 16.99 24.96 3.77
O1P FMN J . 17.51 24.15 2.58
O2P FMN J . 16.07 26.06 3.29
O3P FMN J . 18.13 25.54 4.57
NA NA K . 15.49 -1.18 13.01
#